data_6XY2
#
_entry.id   6XY2
#
_cell.length_a   163.862
_cell.length_b   254.478
_cell.length_c   66.935
_cell.angle_alpha   90.000
_cell.angle_beta   90.000
_cell.angle_gamma   90.000
#
_symmetry.space_group_name_H-M   'C 2 2 21'
#
loop_
_entity.id
_entity.type
_entity.pdbx_description
1 polymer 'Cytotoxic T-lymphocyte protein 4'
2 polymer 'Heavy chain'
3 polymer 'Light chain'
4 non-polymer 2-acetamido-2-deoxy-beta-D-glucopyranose
#
loop_
_entity_poly.entity_id
_entity_poly.type
_entity_poly.pdbx_seq_one_letter_code
_entity_poly.pdbx_strand_id
1 'polypeptide(L)'
;MHVAQPAVVLASSRGIASFVCEYASPGKATEVRVTVLRQADSQVTEVCAATYMMGNELTFLDDSICTGTSSGNQVNLTIQ
GLRAMDTGLYICKVELMYPPPYYLGIGNGTQIYVIDPEPCPDS
;
A
2 'polypeptide(L)'
;QVQLQESGPGLVKPSETLSLTCTVSGFSLTSYGLSWIRQPPGKGLEWIGYIWYDGNTNFHSPLKSRVTISVDTSKNQFSL
KLSSVTAADTAVYYCAKTEGHYYGSNYGYYALDYWGQGTLVTVSSASTKGPSVFPLAPSSKSTSGGTAALGCLVKDYFPE
PVTVSWNSGALTSGVHTFPAVLQSSGLYSLSSVVTVPSSSLGTQTYICNVNHKPSNTKVDKRVEPKSCDKTHTMDPGGSH
HHHHHHH
;
H
3 'polypeptide(L)'
;DIQMTQSPSSLSASVGDRVTITCRASENIYSNLAWYQQKQGKAPKLLLYAATNLQDGVPSRFSGSGSGTDYTLTISSLQP
EDFATYFCQHLWGTPYTFGQGTKLEIKRTVAAPSVFIFPPSDEQLKSGTASVVCLLNNFYPREAKVQWKVDNALQSGNSQ
ESVTEQDSKDSTYSLSSTLTLSKADYEKHKVYACEVTHQGLSSPVTKSFNRGEC
;
L
#
# COMPACT_ATOMS: atom_id res chain seq x y z
N MET A 1 8.78 -4.25 -22.16
CA MET A 1 8.57 -4.35 -23.60
C MET A 1 9.89 -4.41 -24.36
N HIS A 2 10.26 -5.61 -24.79
CA HIS A 2 11.48 -5.83 -25.56
C HIS A 2 11.12 -6.55 -26.84
N VAL A 3 11.66 -6.08 -27.96
CA VAL A 3 11.41 -6.65 -29.28
C VAL A 3 12.75 -7.06 -29.88
N ALA A 4 12.83 -8.30 -30.35
CA ALA A 4 14.06 -8.88 -30.85
C ALA A 4 14.02 -9.01 -32.38
N GLN A 5 15.19 -8.91 -33.00
CA GLN A 5 15.32 -9.07 -34.43
C GLN A 5 16.77 -9.44 -34.74
N PRO A 6 17.02 -10.06 -35.90
CA PRO A 6 18.39 -10.48 -36.23
C PRO A 6 19.40 -9.34 -36.08
N ALA A 7 20.61 -9.70 -35.65
CA ALA A 7 21.65 -8.69 -35.46
C ALA A 7 22.19 -8.20 -36.80
N VAL A 8 22.31 -9.10 -37.77
CA VAL A 8 22.88 -8.75 -39.07
C VAL A 8 22.32 -9.71 -40.11
N VAL A 9 22.10 -9.19 -41.32
CA VAL A 9 21.55 -9.96 -42.43
C VAL A 9 22.33 -9.63 -43.69
N LEU A 10 22.48 -10.64 -44.55
CA LEU A 10 23.12 -10.48 -45.85
C LEU A 10 22.04 -10.52 -46.93
N ALA A 11 21.98 -9.47 -47.75
CA ALA A 11 21.07 -9.45 -48.89
C ALA A 11 21.67 -10.28 -50.01
N SER A 12 20.85 -11.13 -50.61
CA SER A 12 21.32 -11.98 -51.70
C SER A 12 21.79 -11.11 -52.87
N SER A 13 22.51 -11.73 -53.79
CA SER A 13 22.95 -11.03 -54.99
C SER A 13 21.77 -10.41 -55.73
N ARG A 14 20.61 -11.06 -55.67
CA ARG A 14 19.40 -10.47 -56.25
C ARG A 14 19.08 -9.14 -55.58
N GLY A 15 19.33 -9.03 -54.28
CA GLY A 15 19.04 -7.82 -53.54
C GLY A 15 17.83 -7.96 -52.65
N ILE A 16 17.69 -9.11 -52.00
CA ILE A 16 16.52 -9.43 -51.18
C ILE A 16 17.00 -9.70 -49.75
N ALA A 17 16.57 -8.86 -48.82
CA ALA A 17 16.90 -9.00 -47.41
C ALA A 17 15.63 -9.28 -46.61
N SER A 18 15.75 -10.14 -45.60
CA SER A 18 14.61 -10.53 -44.79
C SER A 18 15.04 -10.65 -43.34
N PHE A 19 14.11 -10.33 -42.44
CA PHE A 19 14.34 -10.44 -41.01
C PHE A 19 12.99 -10.45 -40.30
N VAL A 20 12.95 -11.13 -39.16
CA VAL A 20 11.74 -11.24 -38.35
C VAL A 20 11.85 -10.28 -37.18
N CYS A 21 10.73 -9.71 -36.76
CA CYS A 21 10.64 -8.87 -35.58
C CYS A 21 9.57 -9.49 -34.68
N GLU A 22 10.01 -10.21 -33.65
CA GLU A 22 9.12 -10.81 -32.66
C GLU A 22 9.17 -9.98 -31.38
N TYR A 23 8.00 -9.71 -30.81
CA TYR A 23 7.86 -8.77 -29.71
C TYR A 23 7.13 -9.42 -28.55
N ALA A 24 7.44 -8.92 -27.34
CA ALA A 24 6.77 -9.38 -26.13
C ALA A 24 5.45 -8.63 -25.95
N SER A 25 4.41 -9.37 -25.59
CA SER A 25 3.08 -8.81 -25.44
C SER A 25 2.41 -9.35 -24.18
N PRO A 26 1.67 -8.52 -23.45
CA PRO A 26 0.94 -9.04 -22.28
C PRO A 26 -0.04 -10.14 -22.63
N GLY A 27 -0.60 -10.13 -23.84
CA GLY A 27 -1.54 -11.14 -24.27
C GLY A 27 -2.78 -10.56 -24.92
N LYS A 28 -3.12 -11.03 -26.12
CA LYS A 28 -4.31 -10.61 -26.84
C LYS A 28 -4.26 -9.11 -27.12
N ALA A 29 -3.41 -8.75 -28.08
CA ALA A 29 -3.23 -7.37 -28.54
C ALA A 29 -3.90 -7.26 -29.90
N THR A 30 -5.16 -6.79 -29.91
CA THR A 30 -5.96 -6.84 -31.13
C THR A 30 -5.36 -6.00 -32.25
N GLU A 31 -4.74 -4.87 -31.91
CA GLU A 31 -4.14 -3.99 -32.91
C GLU A 31 -2.70 -3.69 -32.52
N VAL A 32 -1.81 -3.77 -33.52
CA VAL A 32 -0.38 -3.55 -33.31
C VAL A 32 0.17 -2.84 -34.55
N ARG A 33 0.99 -1.83 -34.34
CA ARG A 33 1.64 -1.10 -35.42
C ARG A 33 3.12 -1.45 -35.46
N VAL A 34 3.57 -1.97 -36.61
CA VAL A 34 4.99 -2.22 -36.86
C VAL A 34 5.52 -1.10 -37.74
N THR A 35 6.71 -0.62 -37.41
CA THR A 35 7.30 0.54 -38.09
C THR A 35 8.80 0.31 -38.22
N VAL A 36 9.28 0.27 -39.46
CA VAL A 36 10.70 0.03 -39.75
C VAL A 36 11.36 1.38 -39.99
N LEU A 37 12.49 1.60 -39.33
CA LEU A 37 13.27 2.83 -39.46
C LEU A 37 14.65 2.48 -40.00
N ARG A 38 15.19 3.35 -40.84
CA ARG A 38 16.52 3.17 -41.42
C ARG A 38 17.45 4.22 -40.80
N GLN A 39 18.49 3.76 -40.11
CA GLN A 39 19.47 4.65 -39.50
C GLN A 39 20.64 4.80 -40.48
N ALA A 40 20.71 5.96 -41.13
CA ALA A 40 21.78 6.26 -42.06
C ALA A 40 22.95 6.91 -41.32
N ASP A 41 23.75 7.70 -42.03
CA ASP A 41 24.87 8.39 -41.41
C ASP A 41 24.35 9.43 -40.40
N SER A 42 24.10 8.98 -39.17
CA SER A 42 23.66 9.87 -38.09
C SER A 42 22.33 10.53 -38.43
N GLN A 43 21.35 9.71 -38.82
CA GLN A 43 19.98 10.17 -38.99
C GLN A 43 19.07 8.97 -39.17
N VAL A 44 17.88 9.05 -38.59
CA VAL A 44 16.90 7.97 -38.61
C VAL A 44 15.68 8.44 -39.38
N THR A 45 15.08 7.54 -40.17
CA THR A 45 13.94 7.90 -41.01
C THR A 45 13.09 6.67 -41.28
N GLU A 46 11.77 6.87 -41.30
CA GLU A 46 10.81 5.78 -41.46
C GLU A 46 10.74 5.36 -42.93
N VAL A 47 11.03 4.09 -43.20
CA VAL A 47 11.04 3.59 -44.57
C VAL A 47 9.75 2.83 -44.85
N CYS A 48 9.14 2.25 -43.82
CA CYS A 48 7.89 1.54 -44.02
C CYS A 48 7.20 1.33 -42.67
N ALA A 49 5.91 1.00 -42.74
CA ALA A 49 5.11 0.79 -41.54
C ALA A 49 3.85 0.02 -41.91
N ALA A 50 3.19 -0.55 -40.90
CA ALA A 50 2.02 -1.39 -41.12
C ALA A 50 1.29 -1.63 -39.81
N THR A 51 -0.04 -1.71 -39.89
CA THR A 51 -0.86 -2.15 -38.77
C THR A 51 -1.07 -3.66 -38.86
N TYR A 52 -1.30 -4.28 -37.71
CA TYR A 52 -1.41 -5.74 -37.59
C TYR A 52 -2.64 -6.06 -36.75
N MET A 53 -3.74 -6.42 -37.41
CA MET A 53 -4.94 -6.86 -36.73
C MET A 53 -4.87 -8.36 -36.49
N MET A 54 -5.19 -8.80 -35.28
CA MET A 54 -5.09 -10.21 -34.94
C MET A 54 -6.08 -11.04 -35.74
N GLY A 55 -5.67 -12.27 -36.06
CA GLY A 55 -6.51 -13.17 -36.82
C GLY A 55 -6.48 -12.96 -38.31
N ASN A 56 -5.54 -12.18 -38.83
CA ASN A 56 -5.43 -11.95 -40.26
C ASN A 56 -4.02 -11.44 -40.55
N GLU A 57 -3.82 -10.92 -41.77
CA GLU A 57 -2.50 -10.56 -42.26
C GLU A 57 -2.17 -9.11 -41.92
N LEU A 58 -1.03 -8.64 -42.43
CA LEU A 58 -0.59 -7.26 -42.27
C LEU A 58 -1.34 -6.36 -43.24
N THR A 59 -1.14 -5.05 -43.07
CA THR A 59 -1.68 -4.05 -43.99
C THR A 59 -0.67 -2.90 -44.04
N PHE A 60 0.29 -3.01 -44.94
CA PHE A 60 1.35 -2.02 -45.06
C PHE A 60 0.84 -0.75 -45.74
N LEU A 61 1.60 0.32 -45.55
CA LEU A 61 1.33 1.58 -46.23
C LEU A 61 1.91 1.57 -47.63
N ASP A 62 1.21 2.20 -48.56
CA ASP A 62 1.68 2.26 -49.94
C ASP A 62 3.04 2.94 -50.00
N ASP A 63 3.86 2.48 -50.94
CA ASP A 63 5.25 2.92 -51.12
C ASP A 63 6.15 2.41 -50.01
N SER A 64 5.67 1.49 -49.19
CA SER A 64 6.52 0.83 -48.21
C SER A 64 7.51 -0.09 -48.91
N ILE A 65 8.79 0.04 -48.56
CA ILE A 65 9.81 -0.82 -49.16
C ILE A 65 9.74 -2.24 -48.61
N CYS A 66 8.94 -2.47 -47.59
CA CYS A 66 8.84 -3.76 -46.94
C CYS A 66 7.53 -4.46 -47.32
N THR A 67 7.55 -5.78 -47.21
CA THR A 67 6.34 -6.59 -47.25
C THR A 67 6.53 -7.69 -46.23
N GLY A 68 5.45 -8.11 -45.57
CA GLY A 68 5.58 -9.04 -44.47
C GLY A 68 4.38 -9.97 -44.33
N THR A 69 4.56 -10.97 -43.49
CA THR A 69 3.53 -11.94 -43.16
C THR A 69 3.55 -12.18 -41.65
N SER A 70 2.37 -12.37 -41.07
CA SER A 70 2.24 -12.49 -39.63
C SER A 70 2.32 -13.95 -39.18
N SER A 71 2.53 -14.13 -37.88
CA SER A 71 2.56 -15.45 -37.27
C SER A 71 2.49 -15.33 -35.75
N GLY A 72 1.30 -15.05 -35.22
CA GLY A 72 1.15 -14.84 -33.80
C GLY A 72 1.69 -13.50 -33.35
N ASN A 73 2.81 -13.50 -32.65
CA ASN A 73 3.44 -12.26 -32.20
C ASN A 73 4.79 -12.05 -32.87
N GLN A 74 4.84 -12.14 -34.20
CA GLN A 74 6.07 -11.88 -34.93
C GLN A 74 5.76 -11.70 -36.41
N VAL A 75 6.46 -10.77 -37.06
CA VAL A 75 6.29 -10.48 -38.48
C VAL A 75 7.60 -10.72 -39.23
N ASN A 76 7.47 -11.28 -40.43
CA ASN A 76 8.57 -11.79 -41.27
C ASN A 76 8.79 -10.77 -42.38
N LEU A 77 9.57 -9.73 -42.07
CA LEU A 77 9.72 -8.58 -42.96
C LEU A 77 10.78 -8.84 -44.01
N THR A 78 10.42 -8.58 -45.28
CA THR A 78 11.33 -8.74 -46.40
C THR A 78 11.28 -7.48 -47.24
N ILE A 79 12.45 -6.98 -47.62
CA ILE A 79 12.58 -5.79 -48.46
C ILE A 79 13.35 -6.16 -49.71
N GLN A 80 12.87 -5.69 -50.86
CA GLN A 80 13.43 -6.04 -52.16
C GLN A 80 13.96 -4.78 -52.85
N GLY A 81 14.85 -5.00 -53.81
CA GLY A 81 15.44 -3.91 -54.56
C GLY A 81 16.45 -3.11 -53.74
N LEU A 82 17.57 -3.73 -53.42
CA LEU A 82 18.59 -3.13 -52.58
C LEU A 82 19.93 -3.07 -53.32
N ARG A 83 20.68 -2.00 -53.06
CA ARG A 83 22.06 -1.89 -53.51
C ARG A 83 22.88 -1.23 -52.40
N ALA A 84 24.18 -1.10 -52.65
CA ALA A 84 25.11 -0.65 -51.61
C ALA A 84 24.66 0.63 -50.93
N MET A 85 23.93 1.49 -51.65
CA MET A 85 23.47 2.75 -51.05
C MET A 85 22.47 2.53 -49.93
N ASP A 86 21.76 1.40 -49.93
CA ASP A 86 20.73 1.11 -48.95
C ASP A 86 21.26 0.38 -47.72
N THR A 87 22.57 0.20 -47.61
CA THR A 87 23.14 -0.54 -46.48
C THR A 87 23.06 0.31 -45.21
N GLY A 88 22.37 -0.21 -44.21
CA GLY A 88 22.26 0.50 -42.95
C GLY A 88 21.57 -0.35 -41.91
N LEU A 89 21.35 0.27 -40.74
CA LEU A 89 20.69 -0.40 -39.63
C LEU A 89 19.19 -0.19 -39.74
N TYR A 90 18.44 -1.30 -39.87
CA TYR A 90 17.00 -1.25 -40.08
C TYR A 90 16.33 -1.61 -38.75
N ILE A 91 16.00 -0.57 -37.98
CA ILE A 91 15.34 -0.72 -36.69
C ILE A 91 13.84 -0.89 -36.93
N CYS A 92 13.20 -1.77 -36.17
CA CYS A 92 11.75 -1.95 -36.26
C CYS A 92 11.11 -1.56 -34.93
N LYS A 93 10.11 -0.69 -35.00
CA LYS A 93 9.40 -0.18 -33.84
C LYS A 93 8.00 -0.77 -33.82
N VAL A 94 7.64 -1.35 -32.67
CA VAL A 94 6.37 -2.05 -32.52
C VAL A 94 5.66 -1.51 -31.28
N GLU A 95 4.37 -1.19 -31.42
CA GLU A 95 3.59 -0.61 -30.34
C GLU A 95 2.20 -1.21 -30.33
N LEU A 96 1.70 -1.50 -29.12
CA LEU A 96 0.38 -2.07 -28.93
C LEU A 96 -0.64 -0.95 -28.76
N MET A 97 -1.57 -0.84 -29.71
CA MET A 97 -2.53 0.26 -29.70
C MET A 97 -3.79 -0.11 -28.92
N TYR A 98 -4.51 -1.14 -29.37
CA TYR A 98 -5.75 -1.56 -28.74
C TYR A 98 -5.68 -3.05 -28.44
N PRO A 99 -6.17 -3.49 -27.26
CA PRO A 99 -6.74 -2.69 -26.17
C PRO A 99 -5.66 -2.10 -25.28
N PRO A 100 -6.01 -1.08 -24.49
CA PRO A 100 -5.05 -0.53 -23.52
C PRO A 100 -4.74 -1.54 -22.44
N PRO A 101 -3.63 -1.37 -21.70
CA PRO A 101 -2.69 -0.25 -21.79
C PRO A 101 -1.79 -0.29 -23.02
N TYR A 102 -1.27 0.88 -23.39
CA TYR A 102 -0.42 1.05 -24.55
C TYR A 102 1.04 0.80 -24.18
N TYR A 103 1.73 0.06 -25.03
CA TYR A 103 3.16 -0.21 -24.87
C TYR A 103 3.88 0.18 -26.15
N LEU A 104 5.19 0.42 -26.04
CA LEU A 104 6.01 0.89 -27.14
C LEU A 104 7.38 0.23 -27.05
N GLY A 105 7.79 -0.44 -28.12
CA GLY A 105 9.04 -1.17 -28.13
C GLY A 105 9.86 -0.86 -29.36
N ILE A 106 11.18 -0.84 -29.18
CA ILE A 106 12.14 -0.59 -30.25
C ILE A 106 13.30 -1.56 -30.09
N GLY A 107 13.66 -2.25 -31.18
CA GLY A 107 14.71 -3.25 -31.12
C GLY A 107 16.09 -2.66 -31.39
N ASN A 108 17.10 -3.52 -31.24
CA ASN A 108 18.47 -3.09 -31.51
C ASN A 108 18.68 -2.78 -32.99
N GLY A 109 17.91 -3.43 -33.86
CA GLY A 109 17.98 -3.17 -35.29
C GLY A 109 18.76 -4.21 -36.05
N THR A 110 18.34 -4.51 -37.28
CA THR A 110 19.00 -5.47 -38.14
C THR A 110 19.90 -4.72 -39.12
N GLN A 111 21.20 -4.99 -39.06
CA GLN A 111 22.16 -4.33 -39.94
C GLN A 111 22.21 -5.09 -41.26
N ILE A 112 21.53 -4.57 -42.28
CA ILE A 112 21.46 -5.21 -43.59
C ILE A 112 22.62 -4.71 -44.44
N TYR A 113 23.38 -5.66 -44.99
CA TYR A 113 24.52 -5.36 -45.86
C TYR A 113 24.19 -5.75 -47.29
N VAL A 114 24.74 -4.99 -48.25
CA VAL A 114 24.44 -5.16 -49.66
C VAL A 114 25.66 -4.78 -50.48
N ILE A 115 25.87 -5.49 -51.59
CA ILE A 115 26.93 -5.18 -52.53
C ILE A 115 26.43 -5.48 -53.93
N ASP A 116 26.81 -4.65 -54.89
CA ASP A 116 26.29 -4.76 -56.26
C ASP A 116 27.25 -5.59 -57.12
N PRO A 117 26.71 -6.49 -57.97
CA PRO A 117 27.58 -7.23 -58.91
C PRO A 117 28.37 -6.31 -59.83
N VAL B 2 -3.50 14.12 -9.56
CA VAL B 2 -2.61 14.51 -8.48
C VAL B 2 -3.15 14.02 -7.14
N GLN B 3 -4.47 13.98 -7.01
CA GLN B 3 -5.10 13.59 -5.76
C GLN B 3 -6.38 12.81 -6.05
N LEU B 4 -6.81 12.03 -5.05
CA LEU B 4 -8.05 11.26 -5.13
C LEU B 4 -8.30 10.65 -3.76
N GLN B 5 -9.59 10.41 -3.46
CA GLN B 5 -9.98 9.86 -2.17
C GLN B 5 -11.22 8.99 -2.33
N GLU B 6 -11.31 7.96 -1.51
CA GLU B 6 -12.41 7.01 -1.53
C GLU B 6 -13.54 7.46 -0.61
N SER B 7 -14.76 7.15 -1.02
CA SER B 7 -15.96 7.43 -0.22
C SER B 7 -16.87 6.22 -0.29
N GLY B 8 -17.07 5.56 0.86
CA GLY B 8 -17.95 4.42 0.94
C GLY B 8 -18.46 4.21 2.35
N PRO B 9 -19.55 3.44 2.48
CA PRO B 9 -20.10 3.19 3.81
C PRO B 9 -19.21 2.24 4.61
N GLY B 10 -19.02 2.56 5.89
CA GLY B 10 -18.17 1.74 6.73
C GLY B 10 -18.72 0.33 6.92
N LEU B 11 -20.04 0.15 6.80
CA LEU B 11 -20.68 -1.12 7.06
C LEU B 11 -21.67 -1.45 5.95
N VAL B 12 -21.78 -2.73 5.63
CA VAL B 12 -22.73 -3.21 4.64
C VAL B 12 -23.16 -4.62 5.03
N LYS B 13 -24.44 -4.92 4.88
CA LYS B 13 -24.97 -6.21 5.30
C LYS B 13 -24.55 -7.31 4.33
N PRO B 14 -24.50 -8.55 4.80
CA PRO B 14 -23.96 -9.63 3.96
C PRO B 14 -24.91 -10.02 2.83
N SER B 15 -24.33 -10.46 1.73
CA SER B 15 -25.07 -10.97 0.57
C SER B 15 -25.91 -9.86 -0.09
N GLU B 16 -25.35 -8.65 -0.14
CA GLU B 16 -25.96 -7.57 -0.90
C GLU B 16 -24.84 -6.70 -1.45
N THR B 17 -25.11 -6.06 -2.59
CA THR B 17 -24.05 -5.41 -3.35
C THR B 17 -23.40 -4.27 -2.56
N LEU B 18 -22.08 -4.29 -2.50
CA LEU B 18 -21.30 -3.20 -1.95
C LEU B 18 -20.98 -2.19 -3.04
N SER B 19 -21.13 -0.90 -2.71
CA SER B 19 -20.95 0.18 -3.68
C SER B 19 -20.00 1.22 -3.11
N LEU B 20 -18.93 1.51 -3.84
CA LEU B 20 -17.95 2.52 -3.47
C LEU B 20 -17.86 3.59 -4.55
N THR B 21 -17.15 4.67 -4.23
CA THR B 21 -16.86 5.73 -5.19
C THR B 21 -15.45 6.24 -4.94
N CYS B 22 -14.87 6.87 -5.96
CA CYS B 22 -13.50 7.38 -5.89
C CYS B 22 -13.46 8.73 -6.58
N THR B 23 -13.76 9.79 -5.83
CA THR B 23 -13.71 11.14 -6.37
C THR B 23 -12.26 11.56 -6.59
N VAL B 24 -12.01 12.18 -7.75
CA VAL B 24 -10.64 12.38 -8.22
C VAL B 24 -10.49 13.80 -8.76
N SER B 25 -9.25 14.29 -8.72
CA SER B 25 -8.89 15.60 -9.25
C SER B 25 -7.51 15.51 -9.87
N GLY B 26 -7.35 16.15 -11.02
CA GLY B 26 -6.13 16.03 -11.79
C GLY B 26 -6.16 14.96 -12.85
N PHE B 27 -7.32 14.40 -13.14
CA PHE B 27 -7.47 13.35 -14.14
C PHE B 27 -8.03 13.94 -15.43
N SER B 28 -7.97 13.13 -16.50
CA SER B 28 -8.32 13.60 -17.83
C SER B 28 -7.34 14.67 -18.27
N LEU B 29 -7.32 14.99 -19.56
CA LEU B 29 -6.23 15.76 -20.16
C LEU B 29 -4.91 14.99 -20.09
N THR B 30 -5.00 13.67 -19.97
CA THR B 30 -3.86 12.78 -19.79
C THR B 30 -4.36 11.35 -19.94
N SER B 31 -3.50 10.49 -20.47
CA SER B 31 -3.83 9.08 -20.70
C SER B 31 -3.79 8.37 -19.35
N TYR B 32 -4.93 8.34 -18.67
CA TYR B 32 -5.02 7.83 -17.31
C TYR B 32 -5.61 6.42 -17.28
N GLY B 33 -5.27 5.70 -16.21
CA GLY B 33 -5.89 4.42 -15.89
C GLY B 33 -6.10 4.28 -14.40
N LEU B 34 -7.26 3.78 -13.99
CA LEU B 34 -7.64 3.75 -12.58
C LEU B 34 -7.80 2.31 -12.14
N SER B 35 -7.07 1.93 -11.09
CA SER B 35 -7.12 0.59 -10.51
C SER B 35 -7.86 0.61 -9.17
N TRP B 36 -8.34 -0.55 -8.77
CA TRP B 36 -8.98 -0.77 -7.48
C TRP B 36 -8.24 -1.87 -6.73
N ILE B 37 -7.92 -1.62 -5.46
CA ILE B 37 -7.14 -2.55 -4.65
C ILE B 37 -7.79 -2.64 -3.28
N ARG B 38 -7.71 -3.84 -2.68
CA ARG B 38 -8.24 -4.06 -1.34
C ARG B 38 -7.20 -4.77 -0.48
N GLN B 39 -7.36 -4.65 0.85
CA GLN B 39 -6.41 -5.18 1.81
C GLN B 39 -7.17 -5.54 3.09
N PRO B 40 -7.46 -6.83 3.31
CA PRO B 40 -8.09 -7.24 4.57
C PRO B 40 -7.21 -6.90 5.77
N PRO B 41 -7.75 -6.98 6.98
CA PRO B 41 -6.96 -6.60 8.16
C PRO B 41 -5.72 -7.45 8.31
N GLY B 42 -4.58 -6.79 8.49
CA GLY B 42 -3.32 -7.49 8.69
C GLY B 42 -3.00 -8.48 7.58
N LYS B 43 -3.42 -8.17 6.36
CA LYS B 43 -3.28 -9.07 5.22
C LYS B 43 -2.70 -8.29 4.05
N GLY B 44 -2.11 -9.02 3.11
CA GLY B 44 -1.47 -8.39 1.97
C GLY B 44 -2.45 -7.73 1.03
N LEU B 45 -1.88 -7.00 0.06
CA LEU B 45 -2.67 -6.28 -0.93
C LEU B 45 -3.21 -7.24 -1.99
N GLU B 46 -4.36 -6.88 -2.55
CA GLU B 46 -4.99 -7.68 -3.61
C GLU B 46 -5.51 -6.74 -4.68
N TRP B 47 -5.04 -6.91 -5.91
CA TRP B 47 -5.51 -6.13 -7.05
C TRP B 47 -6.84 -6.66 -7.56
N ILE B 48 -7.76 -5.75 -7.86
CA ILE B 48 -9.13 -6.12 -8.23
C ILE B 48 -9.33 -5.95 -9.73
N GLY B 49 -9.29 -4.71 -10.21
CA GLY B 49 -9.52 -4.43 -11.60
C GLY B 49 -8.99 -3.05 -11.97
N TYR B 50 -9.34 -2.62 -13.18
CA TYR B 50 -8.98 -1.27 -13.63
C TYR B 50 -10.02 -0.74 -14.60
N ILE B 51 -9.82 0.51 -15.01
CA ILE B 51 -10.65 1.18 -16.01
C ILE B 51 -9.82 2.32 -16.58
N TRP B 52 -9.86 2.48 -17.90
CA TRP B 52 -9.01 3.44 -18.61
C TRP B 52 -9.84 4.56 -19.22
N TYR B 53 -9.15 5.57 -19.74
CA TYR B 53 -9.82 6.72 -20.34
C TYR B 53 -10.63 6.33 -21.57
N ASP B 54 -10.36 5.16 -22.16
CA ASP B 54 -11.23 4.63 -23.20
C ASP B 54 -12.60 4.26 -22.66
N GLY B 55 -12.70 4.01 -21.35
CA GLY B 55 -13.85 3.34 -20.79
C GLY B 55 -13.72 1.84 -20.77
N ASN B 56 -12.55 1.31 -21.13
CA ASN B 56 -12.33 -0.12 -21.25
C ASN B 56 -12.16 -0.74 -19.87
N THR B 57 -13.03 -1.71 -19.54
CA THR B 57 -12.91 -2.46 -18.29
C THR B 57 -12.72 -3.94 -18.59
N ASN B 58 -11.80 -4.25 -19.50
CA ASN B 58 -11.53 -5.63 -19.91
C ASN B 58 -10.34 -6.15 -19.11
N PHE B 59 -10.60 -7.10 -18.21
CA PHE B 59 -9.56 -7.65 -17.37
C PHE B 59 -10.07 -8.97 -16.78
N HIS B 60 -9.23 -9.58 -15.96
CA HIS B 60 -9.54 -10.84 -15.28
C HIS B 60 -8.92 -10.81 -13.90
N SER B 61 -9.61 -11.43 -12.95
CA SER B 61 -9.16 -11.48 -11.56
C SER B 61 -10.09 -12.40 -10.79
N PRO B 62 -9.67 -12.85 -9.61
CA PRO B 62 -10.58 -13.67 -8.78
C PRO B 62 -11.91 -13.01 -8.51
N LEU B 63 -11.94 -11.67 -8.48
CA LEU B 63 -13.15 -10.91 -8.21
C LEU B 63 -13.85 -10.43 -9.47
N LYS B 64 -13.23 -10.58 -10.64
CA LYS B 64 -13.83 -10.11 -11.88
C LYS B 64 -15.28 -10.58 -12.02
N SER B 65 -15.58 -11.78 -11.53
CA SER B 65 -16.94 -12.31 -11.63
C SER B 65 -17.95 -11.38 -10.99
N ARG B 66 -17.59 -10.79 -9.84
CA ARG B 66 -18.56 -10.05 -9.02
C ARG B 66 -18.42 -8.54 -9.13
N VAL B 67 -17.25 -8.03 -9.52
CA VAL B 67 -17.03 -6.60 -9.51
C VAL B 67 -17.54 -5.97 -10.80
N THR B 68 -17.86 -4.67 -10.73
CA THR B 68 -18.39 -3.92 -11.87
C THR B 68 -17.89 -2.48 -11.73
N ILE B 69 -16.76 -2.19 -12.37
CA ILE B 69 -16.13 -0.88 -12.30
C ILE B 69 -16.70 0.00 -13.39
N SER B 70 -16.94 1.27 -13.07
CA SER B 70 -17.49 2.23 -14.03
C SER B 70 -16.96 3.61 -13.68
N VAL B 71 -17.41 4.61 -14.45
CA VAL B 71 -16.96 5.99 -14.27
C VAL B 71 -18.10 6.93 -14.62
N ASP B 72 -18.22 8.00 -13.85
CA ASP B 72 -19.17 9.09 -14.12
C ASP B 72 -18.33 10.31 -14.49
N THR B 73 -18.11 10.51 -15.79
CA THR B 73 -17.17 11.53 -16.24
C THR B 73 -17.58 12.92 -15.75
N SER B 74 -18.87 13.19 -15.64
CA SER B 74 -19.31 14.54 -15.25
C SER B 74 -18.91 14.86 -13.82
N LYS B 75 -19.12 13.92 -12.90
CA LYS B 75 -18.87 14.15 -11.49
C LYS B 75 -17.43 13.87 -11.07
N ASN B 76 -16.60 13.36 -11.98
CA ASN B 76 -15.20 13.05 -11.69
C ASN B 76 -15.09 12.05 -10.55
N GLN B 77 -15.70 10.89 -10.75
CA GLN B 77 -15.64 9.82 -9.76
C GLN B 77 -15.85 8.47 -10.43
N PHE B 78 -15.10 7.48 -9.98
CA PHE B 78 -15.23 6.09 -10.41
C PHE B 78 -15.96 5.28 -9.36
N SER B 79 -16.64 4.23 -9.79
CA SER B 79 -17.52 3.45 -8.92
C SER B 79 -17.19 1.98 -9.05
N LEU B 80 -16.76 1.38 -7.94
CA LEU B 80 -16.61 -0.06 -7.83
C LEU B 80 -17.84 -0.64 -7.16
N LYS B 81 -18.26 -1.83 -7.61
CA LYS B 81 -19.47 -2.46 -7.09
C LYS B 81 -19.22 -3.96 -6.97
N LEU B 82 -19.05 -4.45 -5.74
CA LEU B 82 -18.85 -5.86 -5.46
C LEU B 82 -20.16 -6.51 -5.07
N SER B 83 -20.38 -7.74 -5.55
CA SER B 83 -21.65 -8.43 -5.41
C SER B 83 -21.58 -9.51 -4.33
N SER B 84 -22.74 -9.81 -3.76
CA SER B 84 -22.89 -10.87 -2.76
C SER B 84 -21.69 -10.94 -1.83
N VAL B 85 -21.57 -9.95 -0.94
CA VAL B 85 -20.40 -9.84 -0.08
C VAL B 85 -20.51 -10.81 1.08
N THR B 86 -19.35 -11.26 1.57
CA THR B 86 -19.28 -12.14 2.73
C THR B 86 -18.11 -11.69 3.61
N ALA B 87 -18.00 -12.33 4.77
CA ALA B 87 -16.96 -11.96 5.73
C ALA B 87 -15.59 -11.84 5.08
N ALA B 88 -15.33 -12.60 4.01
CA ALA B 88 -14.05 -12.53 3.32
C ALA B 88 -13.79 -11.15 2.72
N ASP B 89 -14.84 -10.35 2.49
CA ASP B 89 -14.71 -9.07 1.81
C ASP B 89 -14.53 -7.90 2.77
N THR B 90 -14.28 -8.16 4.06
CA THR B 90 -13.90 -7.10 4.97
C THR B 90 -12.47 -6.68 4.67
N ALA B 91 -12.28 -5.41 4.32
CA ALA B 91 -10.95 -4.95 3.92
C ALA B 91 -10.97 -3.44 3.73
N VAL B 92 -9.78 -2.89 3.57
CA VAL B 92 -9.59 -1.48 3.19
C VAL B 92 -9.47 -1.42 1.68
N TYR B 93 -10.38 -0.68 1.04
CA TYR B 93 -10.44 -0.59 -0.42
C TYR B 93 -9.79 0.71 -0.87
N TYR B 94 -8.75 0.59 -1.71
CA TYR B 94 -8.08 1.74 -2.30
C TYR B 94 -8.39 1.86 -3.78
N CYS B 95 -8.39 3.09 -4.28
CA CYS B 95 -8.33 3.36 -5.71
C CYS B 95 -7.00 4.09 -5.97
N ALA B 96 -6.38 3.79 -7.11
CA ALA B 96 -5.04 4.28 -7.39
C ALA B 96 -4.87 4.52 -8.89
N LYS B 97 -4.21 5.63 -9.22
CA LYS B 97 -3.95 5.95 -10.63
C LYS B 97 -2.88 5.02 -11.18
N THR B 98 -3.15 4.46 -12.35
CA THR B 98 -2.23 3.55 -13.04
C THR B 98 -1.64 4.32 -14.22
N GLU B 99 -0.33 4.59 -14.17
CA GLU B 99 0.33 5.45 -15.14
C GLU B 99 1.53 4.74 -15.77
N GLY B 100 1.69 4.94 -17.09
CA GLY B 100 2.84 4.41 -17.80
C GLY B 100 4.06 5.31 -17.67
N HIS B 101 5.18 4.82 -18.20
CA HIS B 101 6.47 5.49 -18.00
C HIS B 101 7.35 5.30 -19.23
N TYR B 102 8.07 6.35 -19.59
CA TYR B 102 9.14 6.26 -20.57
C TYR B 102 10.41 5.75 -19.87
N TYR B 103 10.93 4.63 -20.34
CA TYR B 103 12.20 4.09 -19.83
C TYR B 103 13.05 3.71 -21.03
N GLY B 104 14.08 4.50 -21.30
CA GLY B 104 14.89 4.26 -22.49
C GLY B 104 14.07 4.46 -23.74
N SER B 105 14.33 3.61 -24.74
CA SER B 105 13.59 3.69 -25.99
C SER B 105 12.13 3.26 -25.85
N ASN B 106 11.82 2.46 -24.84
CA ASN B 106 10.49 1.87 -24.69
C ASN B 106 9.59 2.76 -23.86
N TYR B 107 8.28 2.47 -23.94
CA TYR B 107 7.28 3.07 -23.06
C TYR B 107 6.37 1.98 -22.53
N GLY B 108 5.91 2.18 -21.30
CA GLY B 108 5.08 1.20 -20.63
C GLY B 108 5.41 1.14 -19.15
N TYR B 109 5.95 0.00 -18.71
CA TYR B 109 6.42 -0.19 -17.35
C TYR B 109 5.50 0.52 -16.36
N TYR B 110 4.24 0.08 -16.35
CA TYR B 110 3.22 0.77 -15.57
C TYR B 110 3.41 0.54 -14.08
N ALA B 111 2.71 1.34 -13.28
CA ALA B 111 2.78 1.29 -11.82
C ALA B 111 1.71 2.20 -11.25
N LEU B 112 1.21 1.83 -10.07
CA LEU B 112 0.20 2.62 -9.37
C LEU B 112 0.87 3.87 -8.80
N ASP B 113 0.65 5.00 -9.46
CA ASP B 113 1.40 6.23 -9.16
C ASP B 113 0.87 6.92 -7.91
N TYR B 114 -0.41 7.27 -7.89
CA TYR B 114 -1.03 8.00 -6.79
C TYR B 114 -2.14 7.15 -6.19
N TRP B 115 -2.11 7.01 -4.87
CA TRP B 115 -3.11 6.25 -4.13
C TRP B 115 -4.02 7.19 -3.35
N GLY B 116 -5.22 6.69 -3.03
CA GLY B 116 -6.13 7.39 -2.14
C GLY B 116 -5.90 7.02 -0.69
N GLN B 117 -6.65 7.69 0.19
CA GLN B 117 -6.52 7.44 1.62
C GLN B 117 -6.97 6.03 1.98
N GLY B 118 -8.02 5.54 1.33
CA GLY B 118 -8.53 4.21 1.58
C GLY B 118 -9.69 4.20 2.56
N THR B 119 -10.80 3.58 2.18
CA THR B 119 -11.99 3.50 3.01
C THR B 119 -12.18 2.07 3.49
N LEU B 120 -12.33 1.90 4.79
CA LEU B 120 -12.50 0.59 5.41
C LEU B 120 -13.97 0.24 5.49
N VAL B 121 -14.33 -0.93 4.96
CA VAL B 121 -15.71 -1.39 4.94
C VAL B 121 -15.76 -2.79 5.54
N THR B 122 -16.54 -2.94 6.61
CA THR B 122 -16.67 -4.21 7.33
C THR B 122 -18.07 -4.76 7.09
N VAL B 123 -18.18 -5.82 6.29
CA VAL B 123 -19.46 -6.47 6.07
C VAL B 123 -19.86 -7.22 7.33
N SER B 124 -21.09 -6.99 7.78
CA SER B 124 -21.59 -7.61 9.01
C SER B 124 -23.07 -7.30 9.14
N SER B 125 -23.78 -8.20 9.84
CA SER B 125 -25.21 -8.02 10.07
C SER B 125 -25.50 -7.08 11.24
N ALA B 126 -24.50 -6.79 12.07
CA ALA B 126 -24.72 -6.02 13.27
C ALA B 126 -25.03 -4.56 12.94
N SER B 127 -25.54 -3.85 13.94
CA SER B 127 -25.91 -2.45 13.81
C SER B 127 -24.76 -1.55 14.27
N THR B 128 -24.78 -0.32 13.79
CA THR B 128 -23.72 0.64 14.09
C THR B 128 -23.95 1.28 15.45
N LYS B 129 -22.99 1.12 16.36
CA LYS B 129 -23.05 1.70 17.68
C LYS B 129 -21.97 2.77 17.84
N GLY B 130 -22.33 3.89 18.45
CA GLY B 130 -21.43 4.99 18.61
C GLY B 130 -20.61 4.91 19.89
N PRO B 131 -19.42 5.50 19.89
CA PRO B 131 -18.52 5.36 21.05
C PRO B 131 -18.88 6.29 22.19
N SER B 132 -18.69 5.80 23.40
CA SER B 132 -18.60 6.64 24.59
C SER B 132 -17.13 6.92 24.86
N VAL B 133 -16.80 8.18 25.12
CA VAL B 133 -15.42 8.63 25.28
C VAL B 133 -15.29 9.26 26.66
N PHE B 134 -14.32 8.78 27.44
CA PHE B 134 -14.06 9.24 28.79
C PHE B 134 -12.62 9.71 28.90
N PRO B 135 -12.29 10.49 29.93
CA PRO B 135 -10.93 11.01 30.07
C PRO B 135 -10.02 10.09 30.87
N LEU B 136 -8.72 10.26 30.63
CA LEU B 136 -7.67 9.58 31.40
C LEU B 136 -6.70 10.67 31.87
N ALA B 137 -6.96 11.20 33.07
CA ALA B 137 -6.25 12.38 33.56
C ALA B 137 -4.93 11.99 34.22
N PRO B 138 -3.98 12.92 34.29
CA PRO B 138 -2.68 12.61 34.93
C PRO B 138 -2.78 12.69 36.45
N SER B 139 -2.06 11.78 37.10
CA SER B 139 -2.10 11.66 38.55
C SER B 139 -1.04 12.55 39.19
N SER B 140 -0.98 12.52 40.53
CA SER B 140 -0.04 13.35 41.29
C SER B 140 1.38 12.81 41.18
N LYS B 141 2.12 13.31 40.18
CA LYS B 141 3.51 12.89 39.97
C LYS B 141 4.18 13.82 38.98
N SER B 142 5.25 14.50 39.42
CA SER B 142 5.95 15.47 38.59
C SER B 142 7.08 14.82 37.80
N THR B 143 8.09 14.30 38.50
CA THR B 143 9.23 13.67 37.85
C THR B 143 9.45 12.27 38.40
N GLY B 146 10.21 11.72 34.75
CA GLY B 146 10.40 12.46 33.53
C GLY B 146 9.35 13.54 33.33
N THR B 147 8.13 13.12 32.99
CA THR B 147 7.04 14.05 32.73
C THR B 147 5.72 13.33 32.98
N ALA B 148 4.62 14.04 32.72
CA ALA B 148 3.28 13.53 32.97
C ALA B 148 2.69 12.91 31.69
N ALA B 149 1.54 12.27 31.85
CA ALA B 149 0.90 11.56 30.75
C ALA B 149 -0.62 11.57 30.94
N LEU B 150 -1.34 11.77 29.84
CA LEU B 150 -2.79 11.80 29.84
C LEU B 150 -3.32 11.16 28.57
N GLY B 151 -4.63 10.93 28.52
CA GLY B 151 -5.18 10.25 27.36
C GLY B 151 -6.70 10.23 27.39
N CYS B 152 -7.27 9.60 26.35
CA CYS B 152 -8.70 9.46 26.17
C CYS B 152 -9.02 7.99 25.90
N LEU B 153 -10.13 7.51 26.44
CA LEU B 153 -10.56 6.12 26.29
C LEU B 153 -11.85 6.10 25.46
N VAL B 154 -11.77 5.53 24.27
CA VAL B 154 -12.91 5.44 23.35
C VAL B 154 -13.42 4.00 23.41
N LYS B 155 -14.60 3.80 24.00
CA LYS B 155 -15.08 2.48 24.35
C LYS B 155 -16.45 2.20 23.73
N ASP B 156 -16.67 0.93 23.37
CA ASP B 156 -17.97 0.45 22.93
C ASP B 156 -18.44 1.14 21.66
N TYR B 157 -17.92 0.72 20.51
CA TYR B 157 -18.37 1.26 19.23
C TYR B 157 -18.24 0.18 18.17
N PHE B 158 -19.06 0.29 17.13
CA PHE B 158 -19.03 -0.67 16.03
C PHE B 158 -19.58 -0.01 14.79
N PRO B 159 -18.97 -0.23 13.61
CA PRO B 159 -17.74 -0.98 13.36
C PRO B 159 -16.50 -0.09 13.41
N GLU B 160 -15.34 -0.65 13.07
CA GLU B 160 -14.16 0.17 12.86
C GLU B 160 -14.42 1.11 11.68
N PRO B 161 -13.65 2.21 11.59
CA PRO B 161 -12.62 2.70 12.49
C PRO B 161 -13.04 3.96 13.25
N VAL B 162 -12.21 4.38 14.20
CA VAL B 162 -12.31 5.70 14.80
C VAL B 162 -10.94 6.35 14.71
N THR B 163 -10.91 7.65 14.41
CA THR B 163 -9.68 8.41 14.27
C THR B 163 -9.64 9.48 15.33
N VAL B 164 -8.50 9.62 15.99
CA VAL B 164 -8.34 10.53 17.12
C VAL B 164 -7.16 11.46 16.85
N SER B 165 -7.34 12.74 17.16
CA SER B 165 -6.30 13.74 17.04
C SER B 165 -6.43 14.72 18.20
N TRP B 166 -5.30 15.20 18.71
CA TRP B 166 -5.25 16.02 19.91
C TRP B 166 -5.13 17.49 19.54
N ASN B 167 -5.95 18.33 20.17
CA ASN B 167 -5.99 19.75 19.88
C ASN B 167 -6.22 20.00 18.39
N SER B 168 -7.15 19.23 17.82
CA SER B 168 -7.49 19.33 16.39
C SER B 168 -6.23 19.34 15.53
N GLY B 169 -5.32 18.41 15.81
CA GLY B 169 -4.13 18.21 15.01
C GLY B 169 -2.94 19.07 15.39
N ALA B 170 -3.04 19.87 16.46
CA ALA B 170 -1.95 20.77 16.82
C ALA B 170 -0.84 20.05 17.59
N LEU B 171 -1.23 19.16 18.51
CA LEU B 171 -0.25 18.56 19.43
C LEU B 171 0.72 17.63 18.69
N THR B 172 0.19 16.56 18.11
CA THR B 172 0.92 15.62 17.26
C THR B 172 2.14 14.98 17.92
N SER B 173 3.00 15.76 18.60
CA SER B 173 4.24 15.23 19.12
C SER B 173 4.00 14.46 20.41
N GLY B 174 4.56 13.25 20.48
CA GLY B 174 4.47 12.42 21.66
C GLY B 174 3.20 11.62 21.79
N VAL B 175 2.34 11.61 20.76
CA VAL B 175 1.06 10.93 20.86
C VAL B 175 1.23 9.44 20.62
N HIS B 176 0.28 8.66 21.14
CA HIS B 176 0.24 7.21 20.94
C HIS B 176 -1.22 6.79 20.97
N THR B 177 -1.82 6.66 19.79
CA THR B 177 -3.20 6.18 19.67
C THR B 177 -3.14 4.69 19.33
N PHE B 178 -3.57 3.86 20.28
CA PHE B 178 -3.39 2.42 20.18
C PHE B 178 -4.39 1.78 19.24
N PRO B 179 -4.08 0.60 18.71
CA PRO B 179 -5.07 -0.13 17.90
C PRO B 179 -6.25 -0.57 18.75
N ALA B 180 -7.42 -0.59 18.13
CA ALA B 180 -8.63 -1.03 18.81
C ALA B 180 -8.56 -2.52 19.13
N VAL B 181 -9.34 -2.92 20.12
CA VAL B 181 -9.45 -4.32 20.52
C VAL B 181 -10.93 -4.70 20.53
N LEU B 182 -11.23 -5.93 20.12
CA LEU B 182 -12.59 -6.43 20.10
C LEU B 182 -12.93 -7.00 21.48
N GLN B 183 -13.89 -6.39 22.16
CA GLN B 183 -14.25 -6.79 23.50
C GLN B 183 -15.10 -8.06 23.48
N SER B 184 -15.28 -8.65 24.66
CA SER B 184 -16.11 -9.85 24.79
C SER B 184 -17.52 -9.62 24.26
N SER B 185 -18.04 -8.40 24.41
CA SER B 185 -19.39 -8.10 23.94
C SER B 185 -19.47 -8.15 22.41
N GLY B 186 -18.39 -7.77 21.73
CA GLY B 186 -18.41 -7.64 20.29
C GLY B 186 -18.22 -6.22 19.80
N LEU B 187 -18.15 -5.24 20.70
CA LEU B 187 -17.92 -3.84 20.37
C LEU B 187 -16.45 -3.49 20.59
N TYR B 188 -15.95 -2.58 19.76
CA TYR B 188 -14.53 -2.23 19.77
C TYR B 188 -14.24 -1.16 20.83
N SER B 189 -12.95 -0.96 21.09
CA SER B 189 -12.51 0.00 22.10
C SER B 189 -11.02 0.24 21.93
N LEU B 190 -10.61 1.50 22.05
CA LEU B 190 -9.21 1.86 21.95
C LEU B 190 -8.91 3.02 22.90
N SER B 191 -7.62 3.26 23.11
CA SER B 191 -7.14 4.35 23.94
C SER B 191 -6.17 5.22 23.17
N SER B 192 -6.16 6.51 23.48
CA SER B 192 -5.21 7.47 22.92
C SER B 192 -4.48 8.17 24.06
N VAL B 193 -3.19 8.43 23.86
CA VAL B 193 -2.30 8.83 24.95
C VAL B 193 -1.29 9.85 24.45
N VAL B 194 -0.92 10.78 25.34
CA VAL B 194 0.10 11.78 25.05
C VAL B 194 0.95 11.99 26.30
N THR B 195 2.23 12.26 26.09
CA THR B 195 3.17 12.59 27.16
C THR B 195 3.58 14.05 26.99
N VAL B 196 3.12 14.91 27.88
CA VAL B 196 3.33 16.34 27.75
C VAL B 196 4.11 16.82 28.97
N PRO B 197 4.80 17.96 28.87
CA PRO B 197 5.61 18.42 30.00
C PRO B 197 4.79 18.60 31.27
N SER B 198 5.40 18.25 32.40
CA SER B 198 4.77 18.51 33.69
C SER B 198 4.64 20.01 33.96
N SER B 199 5.55 20.81 33.42
CA SER B 199 5.46 22.26 33.57
C SER B 199 4.09 22.78 33.12
N SER B 200 3.67 22.37 31.92
CA SER B 200 2.43 22.86 31.32
C SER B 200 1.35 21.81 31.52
N LEU B 201 0.64 21.91 32.65
CA LEU B 201 -0.52 21.07 32.94
C LEU B 201 -1.76 21.93 33.22
N GLY B 202 -1.73 22.74 34.26
CA GLY B 202 -2.81 23.68 34.51
C GLY B 202 -2.75 24.94 33.67
N THR B 203 -1.64 25.17 32.97
CA THR B 203 -1.47 26.34 32.10
C THR B 203 -1.41 25.93 30.63
N GLN B 204 -2.14 24.88 30.26
CA GLN B 204 -2.19 24.43 28.88
C GLN B 204 -3.42 23.55 28.71
N THR B 205 -4.19 23.79 27.65
CA THR B 205 -5.42 23.09 27.40
C THR B 205 -5.19 21.90 26.46
N TYR B 206 -5.78 20.75 26.81
CA TYR B 206 -5.60 19.52 26.06
C TYR B 206 -6.97 18.93 25.74
N ILE B 207 -7.27 18.81 24.45
CA ILE B 207 -8.52 18.21 23.96
C ILE B 207 -8.16 17.09 23.00
N CYS B 208 -8.96 16.02 23.01
CA CYS B 208 -8.82 14.92 22.07
C CYS B 208 -10.04 14.88 21.16
N ASN B 209 -9.80 14.82 19.85
CA ASN B 209 -10.87 14.87 18.85
C ASN B 209 -11.07 13.45 18.31
N VAL B 210 -12.07 12.76 18.84
CA VAL B 210 -12.43 11.44 18.34
C VAL B 210 -13.52 11.61 17.29
N ASN B 211 -13.54 10.69 16.32
CA ASN B 211 -14.51 10.76 15.22
C ASN B 211 -14.83 9.35 14.76
N HIS B 212 -16.09 8.95 14.90
CA HIS B 212 -16.59 7.65 14.45
C HIS B 212 -17.51 7.90 13.26
N LYS B 213 -16.91 7.89 12.07
CA LYS B 213 -17.69 8.20 10.86
C LYS B 213 -18.84 7.23 10.63
N PRO B 214 -18.69 5.92 10.82
CA PRO B 214 -19.84 5.02 10.57
C PRO B 214 -21.12 5.43 11.27
N SER B 215 -21.04 5.81 12.55
CA SER B 215 -22.20 6.29 13.27
C SER B 215 -22.43 7.78 13.12
N ASN B 216 -21.52 8.49 12.45
CA ASN B 216 -21.65 9.93 12.23
C ASN B 216 -21.68 10.68 13.56
N THR B 217 -20.77 10.32 14.46
CA THR B 217 -20.63 10.97 15.75
C THR B 217 -19.21 11.49 15.91
N LYS B 218 -19.09 12.70 16.44
CA LYS B 218 -17.79 13.35 16.63
C LYS B 218 -17.81 14.06 17.97
N VAL B 219 -16.73 13.91 18.74
CA VAL B 219 -16.68 14.42 20.12
C VAL B 219 -15.33 15.10 20.34
N ASP B 220 -15.35 16.17 21.14
CA ASP B 220 -14.15 16.88 21.58
C ASP B 220 -14.15 16.86 23.11
N LYS B 221 -13.39 15.95 23.70
CA LYS B 221 -13.34 15.78 25.15
C LYS B 221 -12.13 16.49 25.71
N ARG B 222 -12.34 17.27 26.77
CA ARG B 222 -11.26 17.98 27.45
C ARG B 222 -10.72 17.13 28.60
N VAL B 223 -9.40 17.01 28.68
CA VAL B 223 -8.73 16.21 29.69
C VAL B 223 -7.91 17.15 30.56
N GLU B 224 -8.11 17.07 31.88
CA GLU B 224 -7.42 17.93 32.83
C GLU B 224 -7.38 17.23 34.17
N PRO B 225 -6.51 17.67 35.08
CA PRO B 225 -6.42 17.02 36.40
C PRO B 225 -7.75 17.07 37.14
N LYS B 226 -7.92 16.13 38.07
CA LYS B 226 -9.13 16.02 38.87
C LYS B 226 -8.98 16.72 40.21
N SER B 227 -8.58 17.99 40.17
CA SER B 227 -8.38 18.78 41.39
C SER B 227 -7.38 18.10 42.33
N ASP C 1 -2.94 -15.34 -12.62
CA ASP C 1 -2.30 -15.96 -13.81
C ASP C 1 -0.79 -15.97 -13.65
N ILE C 2 -0.22 -14.80 -13.37
CA ILE C 2 1.20 -14.65 -13.06
C ILE C 2 1.29 -14.29 -11.59
N GLN C 3 1.77 -15.23 -10.77
CA GLN C 3 1.83 -15.04 -9.32
C GLN C 3 3.21 -14.55 -8.90
N MET C 4 3.25 -13.92 -7.72
CA MET C 4 4.46 -13.35 -7.16
C MET C 4 4.66 -13.91 -5.75
N THR C 5 5.93 -14.07 -5.38
CA THR C 5 6.29 -14.56 -4.05
C THR C 5 7.53 -13.83 -3.57
N GLN C 6 7.41 -13.13 -2.44
CA GLN C 6 8.53 -12.44 -1.81
C GLN C 6 9.11 -13.29 -0.70
N SER C 7 10.28 -12.89 -0.22
CA SER C 7 10.91 -13.53 0.93
C SER C 7 11.96 -12.59 1.49
N PRO C 8 12.17 -12.59 2.82
CA PRO C 8 11.42 -13.39 3.79
C PRO C 8 10.11 -12.70 4.19
N SER C 9 9.18 -13.46 4.76
CA SER C 9 7.93 -12.86 5.21
C SER C 9 8.17 -11.73 6.19
N SER C 10 9.27 -11.80 6.94
CA SER C 10 9.65 -10.74 7.87
C SER C 10 11.14 -10.89 8.17
N LEU C 11 11.72 -9.83 8.72
CA LEU C 11 13.15 -9.83 9.04
C LEU C 11 13.44 -8.64 9.95
N SER C 12 14.64 -8.67 10.53
CA SER C 12 15.12 -7.61 11.41
C SER C 12 16.53 -7.21 11.00
N ALA C 13 16.86 -5.94 11.23
CA ALA C 13 18.19 -5.42 10.91
C ALA C 13 18.40 -4.03 11.50
N SER C 14 19.53 -3.83 12.17
CA SER C 14 19.78 -2.59 12.88
C SER C 14 19.90 -1.42 11.91
N VAL C 15 19.89 -0.22 12.47
CA VAL C 15 19.99 0.99 11.67
C VAL C 15 21.42 1.13 11.12
N GLY C 16 21.52 1.57 9.87
CA GLY C 16 22.79 1.68 9.19
C GLY C 16 23.19 0.44 8.40
N ASP C 17 22.50 -0.68 8.59
CA ASP C 17 22.83 -1.91 7.89
C ASP C 17 22.27 -1.88 6.47
N ARG C 18 22.72 -2.85 5.68
CA ARG C 18 22.26 -3.02 4.30
C ARG C 18 21.33 -4.23 4.24
N VAL C 19 20.13 -4.03 3.70
CA VAL C 19 19.11 -5.06 3.65
C VAL C 19 18.53 -5.13 2.25
N THR C 20 18.09 -6.32 1.86
CA THR C 20 17.56 -6.56 0.52
C THR C 20 16.29 -7.40 0.61
N ILE C 21 15.36 -7.12 -0.30
CA ILE C 21 14.08 -7.81 -0.39
C ILE C 21 13.95 -8.38 -1.79
N THR C 22 13.86 -9.71 -1.89
CA THR C 22 13.78 -10.39 -3.18
C THR C 22 12.32 -10.69 -3.53
N CYS C 23 12.05 -10.76 -4.83
CA CYS C 23 10.68 -10.96 -5.32
C CYS C 23 10.78 -11.66 -6.67
N ARG C 24 10.48 -12.96 -6.68
CA ARG C 24 10.56 -13.77 -7.88
C ARG C 24 9.17 -13.98 -8.48
N ALA C 25 9.08 -13.87 -9.80
CA ALA C 25 7.83 -14.02 -10.53
C ALA C 25 7.78 -15.37 -11.22
N SER C 26 6.56 -15.86 -11.44
CA SER C 26 6.38 -17.16 -12.10
C SER C 26 6.89 -17.12 -13.53
N GLU C 27 6.31 -16.25 -14.36
CA GLU C 27 6.71 -16.10 -15.74
C GLU C 27 7.70 -14.94 -15.87
N ASN C 28 8.11 -14.66 -17.10
CA ASN C 28 8.94 -13.50 -17.40
C ASN C 28 8.05 -12.26 -17.51
N ILE C 29 8.50 -11.17 -16.89
CA ILE C 29 7.76 -9.91 -16.92
C ILE C 29 8.58 -8.76 -17.47
N TYR C 30 9.82 -9.01 -17.91
CA TYR C 30 10.63 -8.03 -18.62
C TYR C 30 10.69 -6.70 -17.86
N SER C 31 10.96 -6.80 -16.56
CA SER C 31 11.20 -5.63 -15.72
C SER C 31 9.99 -4.72 -15.60
N ASN C 32 8.79 -5.26 -15.79
CA ASN C 32 7.55 -4.54 -15.52
C ASN C 32 7.12 -4.81 -14.08
N LEU C 33 7.92 -4.27 -13.15
CA LEU C 33 7.75 -4.50 -11.72
C LEU C 33 7.67 -3.16 -11.00
N ALA C 34 6.91 -3.16 -9.92
CA ALA C 34 6.77 -1.98 -9.05
C ALA C 34 6.98 -2.40 -7.61
N TRP C 35 7.66 -1.54 -6.84
CA TRP C 35 7.88 -1.73 -5.42
C TRP C 35 7.08 -0.68 -4.64
N TYR C 36 6.58 -1.07 -3.46
CA TYR C 36 5.72 -0.20 -2.67
C TYR C 36 6.13 -0.28 -1.21
N GLN C 37 5.91 0.84 -0.51
CA GLN C 37 6.15 0.94 0.93
C GLN C 37 4.85 1.31 1.61
N GLN C 38 4.47 0.54 2.63
CA GLN C 38 3.23 0.77 3.37
C GLN C 38 3.54 0.79 4.86
N LYS C 39 3.35 1.95 5.48
CA LYS C 39 3.33 2.06 6.93
C LYS C 39 1.89 2.00 7.39
N GLN C 40 1.55 0.95 8.16
CA GLN C 40 0.17 0.64 8.47
C GLN C 40 -0.58 1.89 8.92
N GLY C 41 -1.87 1.94 8.58
CA GLY C 41 -2.67 3.13 8.78
C GLY C 41 -2.65 4.08 7.60
N LYS C 42 -1.86 3.81 6.58
CA LYS C 42 -1.75 4.65 5.40
C LYS C 42 -1.72 3.78 4.15
N ALA C 43 -2.02 4.39 3.02
CA ALA C 43 -1.95 3.69 1.75
C ALA C 43 -0.49 3.50 1.35
N PRO C 44 -0.20 2.50 0.51
CA PRO C 44 1.19 2.25 0.12
C PRO C 44 1.70 3.32 -0.84
N LYS C 45 3.00 3.57 -0.76
CA LYS C 45 3.66 4.60 -1.57
C LYS C 45 4.60 3.92 -2.55
N LEU C 46 4.50 4.30 -3.82
CA LEU C 46 5.33 3.72 -4.87
C LEU C 46 6.77 4.22 -4.75
N LEU C 47 7.71 3.28 -4.67
CA LEU C 47 9.14 3.62 -4.65
C LEU C 47 9.77 3.47 -6.04
N LEU C 48 9.74 2.26 -6.60
CA LEU C 48 10.41 1.95 -7.85
C LEU C 48 9.39 1.51 -8.89
N TYR C 49 9.47 2.09 -10.08
CA TYR C 49 8.76 1.62 -11.25
C TYR C 49 9.76 1.12 -12.27
N ALA C 50 9.32 0.21 -13.14
CA ALA C 50 10.20 -0.40 -14.13
C ALA C 50 11.36 -1.15 -13.46
N ALA C 51 11.11 -1.69 -12.27
CA ALA C 51 12.06 -2.55 -11.56
C ALA C 51 13.20 -1.76 -10.93
N THR C 52 13.88 -0.92 -11.70
CA THR C 52 15.07 -0.21 -11.23
C THR C 52 14.88 1.30 -11.11
N ASN C 53 13.96 1.89 -11.85
CA ASN C 53 13.80 3.34 -11.87
C ASN C 53 13.01 3.80 -10.66
N LEU C 54 13.61 4.63 -9.82
CA LEU C 54 12.99 5.06 -8.57
C LEU C 54 12.22 6.36 -8.75
N GLN C 55 11.10 6.46 -8.03
CA GLN C 55 10.21 7.59 -8.18
C GLN C 55 10.84 8.87 -7.62
N ASP C 56 10.44 10.01 -8.20
CA ASP C 56 11.10 11.28 -7.92
C ASP C 56 11.27 11.51 -6.42
N GLY C 57 10.20 11.33 -5.65
CA GLY C 57 10.22 11.75 -4.25
C GLY C 57 11.10 10.91 -3.34
N VAL C 58 11.44 9.70 -3.76
CA VAL C 58 12.07 8.72 -2.86
C VAL C 58 13.54 9.04 -2.68
N PRO C 59 14.11 8.82 -1.49
CA PRO C 59 15.55 9.02 -1.30
C PRO C 59 16.37 8.10 -2.19
N SER C 60 17.67 8.42 -2.28
CA SER C 60 18.57 7.66 -3.13
C SER C 60 19.02 6.35 -2.49
N ARG C 61 18.87 6.20 -1.18
CA ARG C 61 19.27 4.95 -0.54
C ARG C 61 18.40 3.77 -0.98
N PHE C 62 17.23 4.05 -1.55
CA PHE C 62 16.39 3.00 -2.14
C PHE C 62 16.82 2.75 -3.58
N SER C 63 16.95 1.48 -3.95
CA SER C 63 17.37 1.12 -5.29
C SER C 63 16.94 -0.30 -5.58
N GLY C 64 16.67 -0.57 -6.86
CA GLY C 64 16.23 -1.88 -7.29
C GLY C 64 17.15 -2.53 -8.31
N SER C 65 17.11 -3.86 -8.38
CA SER C 65 17.94 -4.63 -9.30
C SER C 65 17.13 -5.81 -9.81
N GLY C 66 17.75 -6.59 -10.70
CA GLY C 66 17.17 -7.82 -11.20
C GLY C 66 16.70 -7.68 -12.64
N SER C 67 16.19 -8.81 -13.15
CA SER C 67 15.71 -8.88 -14.53
C SER C 67 14.99 -10.20 -14.74
N GLY C 68 14.07 -10.21 -15.70
CA GLY C 68 13.36 -11.42 -16.05
C GLY C 68 12.32 -11.84 -15.03
N THR C 69 12.72 -12.68 -14.08
CA THR C 69 11.82 -13.16 -13.02
C THR C 69 12.25 -12.72 -11.64
N ASP C 70 13.55 -12.75 -11.34
CA ASP C 70 14.04 -12.41 -10.01
C ASP C 70 14.38 -10.92 -9.94
N TYR C 71 13.88 -10.26 -8.90
CA TYR C 71 14.14 -8.85 -8.68
C TYR C 71 14.38 -8.63 -7.19
N THR C 72 15.02 -7.50 -6.85
CA THR C 72 15.41 -7.25 -5.47
C THR C 72 15.33 -5.76 -5.16
N LEU C 73 15.27 -5.46 -3.86
CA LEU C 73 15.47 -4.13 -3.32
C LEU C 73 16.80 -4.08 -2.57
N THR C 74 17.20 -2.87 -2.19
CA THR C 74 18.43 -2.69 -1.43
C THR C 74 18.37 -1.35 -0.72
N ILE C 75 18.70 -1.36 0.58
CA ILE C 75 18.70 -0.15 1.40
C ILE C 75 20.09 0.06 1.97
N SER C 76 20.96 0.71 1.19
CA SER C 76 22.29 1.03 1.69
C SER C 76 22.20 2.13 2.75
N SER C 77 22.63 1.83 3.97
CA SER C 77 22.49 2.72 5.11
C SER C 77 21.01 2.85 5.49
N LEU C 78 20.52 1.90 6.28
CA LEU C 78 19.12 1.89 6.68
C LEU C 78 18.86 2.96 7.74
N GLN C 79 17.68 3.55 7.68
CA GLN C 79 17.24 4.59 8.61
C GLN C 79 16.04 4.09 9.41
N PRO C 80 15.80 4.66 10.59
CA PRO C 80 14.63 4.23 11.38
C PRO C 80 13.31 4.51 10.69
N GLU C 81 13.25 5.54 9.83
CA GLU C 81 12.02 5.91 9.15
C GLU C 81 11.57 4.85 8.15
N ASP C 82 12.44 3.91 7.79
CA ASP C 82 12.15 2.92 6.75
C ASP C 82 11.36 1.72 7.27
N PHE C 83 10.92 1.75 8.53
CA PHE C 83 10.07 0.69 9.05
C PHE C 83 8.74 0.66 8.31
N ALA C 84 8.47 -0.44 7.62
CA ALA C 84 7.25 -0.57 6.83
C ALA C 84 7.12 -2.03 6.38
N THR C 85 6.03 -2.32 5.67
CA THR C 85 5.81 -3.62 5.03
C THR C 85 5.88 -3.39 3.53
N TYR C 86 6.92 -3.95 2.90
CA TYR C 86 7.21 -3.66 1.49
C TYR C 86 6.56 -4.71 0.59
N PHE C 87 6.03 -4.24 -0.54
CA PHE C 87 5.31 -5.07 -1.49
C PHE C 87 5.90 -4.92 -2.89
N CYS C 88 5.89 -6.02 -3.64
CA CYS C 88 6.25 -6.00 -5.06
C CYS C 88 5.04 -6.38 -5.89
N GLN C 89 4.96 -5.80 -7.09
CA GLN C 89 3.82 -5.99 -7.96
C GLN C 89 4.28 -6.04 -9.41
N HIS C 90 3.79 -7.02 -10.16
CA HIS C 90 4.02 -7.06 -11.60
C HIS C 90 2.85 -6.41 -12.31
N LEU C 91 3.16 -5.69 -13.39
CA LEU C 91 2.15 -5.07 -14.25
C LEU C 91 2.39 -5.47 -15.70
N TRP C 92 2.62 -6.77 -15.91
CA TRP C 92 2.81 -7.37 -17.24
C TRP C 92 1.87 -8.57 -17.31
N GLY C 93 0.59 -8.31 -17.49
CA GLY C 93 -0.41 -9.35 -17.52
C GLY C 93 -1.75 -8.82 -17.06
N THR C 94 -2.78 -9.61 -17.34
CA THR C 94 -4.14 -9.14 -17.08
C THR C 94 -4.37 -8.81 -15.61
N PRO C 95 -4.06 -9.71 -14.64
CA PRO C 95 -4.15 -9.31 -13.23
C PRO C 95 -2.81 -8.87 -12.66
N TYR C 96 -2.73 -7.64 -12.14
CA TYR C 96 -1.50 -7.10 -11.59
C TYR C 96 -1.38 -7.57 -10.13
N THR C 97 -0.98 -8.83 -9.97
CA THR C 97 -0.96 -9.45 -8.66
C THR C 97 0.18 -8.90 -7.81
N PHE C 98 -0.12 -8.60 -6.54
CA PHE C 98 0.89 -8.19 -5.60
C PHE C 98 1.58 -9.40 -4.98
N GLY C 99 2.75 -9.15 -4.38
CA GLY C 99 3.42 -10.17 -3.60
C GLY C 99 2.87 -10.21 -2.17
N GLN C 100 3.26 -11.28 -1.46
CA GLN C 100 2.76 -11.48 -0.10
C GLN C 100 3.24 -10.37 0.83
N GLY C 101 4.43 -9.82 0.59
CA GLY C 101 4.93 -8.71 1.37
C GLY C 101 5.90 -9.11 2.45
N THR C 102 6.93 -8.29 2.66
CA THR C 102 7.90 -8.49 3.73
C THR C 102 7.80 -7.36 4.74
N LYS C 103 7.86 -7.72 6.02
CA LYS C 103 7.76 -6.76 7.11
C LYS C 103 9.16 -6.47 7.64
N LEU C 104 9.62 -5.24 7.46
CA LEU C 104 10.95 -4.83 7.91
C LEU C 104 10.86 -4.27 9.32
N GLU C 105 11.76 -4.72 10.20
CA GLU C 105 11.78 -4.33 11.60
C GLU C 105 13.11 -3.69 11.94
N ILE C 106 13.07 -2.68 12.81
CA ILE C 106 14.23 -1.83 13.04
C ILE C 106 15.27 -2.53 13.89
N LYS C 107 14.86 -2.99 15.09
CA LYS C 107 15.79 -3.54 16.06
C LYS C 107 16.69 -2.44 16.60
N ARG C 108 16.19 -1.70 17.58
CA ARG C 108 16.89 -0.56 18.14
C ARG C 108 17.73 -0.98 19.35
N THR C 109 18.17 -0.01 20.14
CA THR C 109 18.92 -0.28 21.36
C THR C 109 17.96 -0.48 22.52
N VAL C 110 18.41 -1.25 23.52
CA VAL C 110 17.55 -1.59 24.65
C VAL C 110 17.09 -0.33 25.36
N ALA C 111 15.82 -0.30 25.73
CA ALA C 111 15.22 0.85 26.39
C ALA C 111 14.09 0.39 27.30
N ALA C 112 13.95 1.05 28.49
CA ALA C 112 12.97 0.67 29.49
C ALA C 112 11.69 1.49 29.35
N PRO C 113 10.55 0.95 29.77
CA PRO C 113 9.29 1.68 29.63
C PRO C 113 9.03 2.65 30.76
N SER C 114 8.35 3.74 30.43
CA SER C 114 7.83 4.68 31.43
C SER C 114 6.40 4.24 31.78
N VAL C 115 6.22 3.73 32.98
CA VAL C 115 4.96 3.12 33.39
C VAL C 115 4.04 4.20 33.94
N PHE C 116 2.77 4.14 33.53
CA PHE C 116 1.73 5.02 34.05
C PHE C 116 0.47 4.20 34.27
N ILE C 117 -0.39 4.69 35.17
CA ILE C 117 -1.64 4.03 35.49
C ILE C 117 -2.74 5.08 35.56
N PHE C 118 -3.94 4.72 35.12
CA PHE C 118 -5.07 5.64 35.01
C PHE C 118 -6.30 5.03 35.68
N PRO C 119 -6.79 5.59 36.78
CA PRO C 119 -8.03 5.09 37.39
C PRO C 119 -9.22 5.38 36.51
N PRO C 120 -10.32 4.65 36.69
CA PRO C 120 -11.52 4.89 35.86
C PRO C 120 -12.19 6.20 36.21
N SER C 121 -12.40 7.03 35.19
CA SER C 121 -12.99 8.34 35.40
C SER C 121 -14.37 8.22 36.01
N ASP C 122 -14.70 9.16 36.91
CA ASP C 122 -16.04 9.17 37.50
C ASP C 122 -17.11 9.35 36.43
N GLU C 123 -16.77 10.03 35.32
CA GLU C 123 -17.71 10.13 34.21
C GLU C 123 -18.15 8.75 33.74
N GLN C 124 -17.22 7.80 33.71
CA GLN C 124 -17.53 6.45 33.24
C GLN C 124 -18.36 5.68 34.27
N LEU C 125 -18.04 5.84 35.55
CA LEU C 125 -18.73 5.10 36.60
C LEU C 125 -20.25 5.30 36.53
N LYS C 126 -20.69 6.50 36.13
CA LYS C 126 -22.12 6.75 35.99
C LYS C 126 -22.78 5.71 35.10
N SER C 127 -22.15 5.36 33.98
CA SER C 127 -22.74 4.43 33.04
C SER C 127 -22.82 3.00 33.58
N GLY C 128 -22.03 2.69 34.60
CA GLY C 128 -21.96 1.33 35.14
C GLY C 128 -20.73 0.56 34.74
N THR C 129 -19.84 1.17 33.97
CA THR C 129 -18.60 0.53 33.51
C THR C 129 -17.44 0.95 34.40
N ALA C 130 -16.38 0.16 34.37
CA ALA C 130 -15.18 0.46 35.16
C ALA C 130 -13.98 -0.09 34.39
N SER C 131 -13.21 0.81 33.77
CA SER C 131 -12.03 0.44 32.99
C SER C 131 -10.84 1.17 33.58
N VAL C 132 -9.89 0.40 34.13
CA VAL C 132 -8.64 0.94 34.66
C VAL C 132 -7.53 0.59 33.69
N VAL C 133 -6.75 1.60 33.31
CA VAL C 133 -5.79 1.48 32.22
C VAL C 133 -4.37 1.57 32.78
N CYS C 134 -3.46 0.84 32.14
CA CYS C 134 -2.03 0.88 32.43
C CYS C 134 -1.27 1.11 31.14
N LEU C 135 -0.26 1.97 31.20
CA LEU C 135 0.44 2.46 30.02
C LEU C 135 1.93 2.19 30.15
N LEU C 136 2.46 1.37 29.23
CA LEU C 136 3.91 1.23 29.04
C LEU C 136 4.29 2.06 27.84
N ASN C 137 5.18 3.04 28.05
CA ASN C 137 5.47 4.07 27.06
C ASN C 137 6.92 4.00 26.63
N ASN C 138 7.14 3.77 25.33
CA ASN C 138 8.45 3.88 24.71
C ASN C 138 9.44 2.88 25.29
N PHE C 139 9.48 1.67 24.75
CA PHE C 139 10.39 0.65 25.22
C PHE C 139 10.75 -0.28 24.06
N TYR C 140 11.71 -1.16 24.31
CA TYR C 140 12.17 -2.14 23.33
C TYR C 140 12.98 -3.22 24.03
N PRO C 141 12.79 -4.50 23.69
CA PRO C 141 11.87 -5.05 22.68
C PRO C 141 10.43 -5.13 23.17
N ARG C 142 9.55 -5.65 22.31
CA ARG C 142 8.12 -5.70 22.64
C ARG C 142 7.84 -6.68 23.78
N GLU C 143 8.65 -7.73 23.91
CA GLU C 143 8.42 -8.75 24.93
C GLU C 143 8.33 -8.12 26.32
N ALA C 144 7.12 -8.04 26.87
CA ALA C 144 6.89 -7.42 28.16
C ALA C 144 5.67 -8.06 28.83
N LYS C 145 5.75 -8.21 30.15
CA LYS C 145 4.69 -8.81 30.94
C LYS C 145 4.14 -7.76 31.90
N VAL C 146 2.82 -7.67 31.96
CA VAL C 146 2.12 -6.78 32.90
C VAL C 146 1.17 -7.63 33.72
N GLN C 147 1.16 -7.41 35.04
CA GLN C 147 0.32 -8.14 35.96
C GLN C 147 -0.59 -7.17 36.69
N TRP C 148 -1.89 -7.43 36.65
CA TRP C 148 -2.87 -6.65 37.39
C TRP C 148 -3.13 -7.28 38.75
N LYS C 149 -3.28 -6.44 39.77
CA LYS C 149 -3.54 -6.89 41.13
C LYS C 149 -4.58 -5.98 41.77
N VAL C 150 -5.58 -6.58 42.41
CA VAL C 150 -6.66 -5.87 43.08
C VAL C 150 -6.67 -6.35 44.53
N ASP C 151 -6.16 -5.52 45.44
CA ASP C 151 -5.95 -5.92 46.83
C ASP C 151 -5.06 -7.16 46.90
N ASN C 152 -3.98 -7.13 46.10
CA ASN C 152 -3.02 -8.23 46.04
C ASN C 152 -3.67 -9.51 45.52
N ALA C 153 -4.68 -9.38 44.67
CA ALA C 153 -5.36 -10.51 44.06
C ALA C 153 -5.08 -10.48 42.56
N LEU C 154 -4.21 -11.37 42.11
CA LEU C 154 -3.77 -11.37 40.73
C LEU C 154 -4.94 -11.53 39.77
N GLN C 155 -4.95 -10.71 38.71
CA GLN C 155 -5.94 -10.79 37.65
C GLN C 155 -5.28 -11.37 36.41
N SER C 156 -5.86 -12.43 35.86
CA SER C 156 -5.24 -13.21 34.80
C SER C 156 -5.93 -13.01 33.45
N GLY C 157 -7.16 -13.53 33.30
CA GLY C 157 -7.87 -13.41 32.04
C GLY C 157 -8.89 -12.29 32.06
N ASN C 158 -8.48 -11.13 32.59
CA ASN C 158 -9.36 -9.98 32.73
C ASN C 158 -8.89 -8.77 31.97
N SER C 159 -7.60 -8.68 31.63
CA SER C 159 -7.05 -7.55 30.91
C SER C 159 -7.10 -7.79 29.40
N GLN C 160 -6.87 -6.73 28.65
CA GLN C 160 -6.74 -6.80 27.19
C GLN C 160 -5.62 -5.85 26.77
N GLU C 161 -4.51 -6.41 26.30
CA GLU C 161 -3.37 -5.62 25.89
C GLU C 161 -3.52 -5.16 24.45
N SER C 162 -2.93 -4.01 24.15
CA SER C 162 -2.95 -3.45 22.80
C SER C 162 -1.63 -2.72 22.59
N VAL C 163 -0.82 -3.21 21.66
CA VAL C 163 0.54 -2.71 21.45
C VAL C 163 0.60 -2.00 20.11
N THR C 164 1.26 -0.85 20.09
CA THR C 164 1.43 -0.07 18.87
C THR C 164 2.71 -0.51 18.16
N GLU C 165 2.71 -0.32 16.84
CA GLU C 165 3.84 -0.75 16.02
C GLU C 165 5.06 0.14 16.26
N GLN C 166 6.21 -0.33 15.80
CA GLN C 166 7.47 0.36 16.04
C GLN C 166 7.40 1.79 15.54
N ASP C 167 7.94 2.71 16.32
CA ASP C 167 7.82 4.13 16.03
C ASP C 167 8.70 4.53 14.86
N SER C 168 8.32 5.64 14.20
CA SER C 168 9.07 6.10 13.04
C SER C 168 10.44 6.64 13.43
N LYS C 169 10.50 7.45 14.48
CA LYS C 169 11.74 8.05 14.93
C LYS C 169 12.33 7.35 16.15
N ASP C 170 11.49 7.05 17.15
CA ASP C 170 12.00 6.44 18.38
C ASP C 170 12.42 5.00 18.15
N SER C 171 11.74 4.28 17.26
CA SER C 171 11.97 2.85 17.06
C SER C 171 11.57 2.04 18.29
N THR C 172 10.58 2.53 19.03
CA THR C 172 10.16 1.94 20.29
C THR C 172 8.71 1.48 20.19
N TYR C 173 8.27 0.78 21.23
CA TYR C 173 6.90 0.28 21.35
C TYR C 173 6.16 1.00 22.47
N SER C 174 4.86 0.74 22.55
CA SER C 174 4.03 1.24 23.63
C SER C 174 2.84 0.29 23.79
N LEU C 175 2.49 -0.02 25.03
CA LEU C 175 1.48 -1.02 25.33
C LEU C 175 0.37 -0.40 26.18
N SER C 176 -0.85 -0.84 25.94
CA SER C 176 -2.04 -0.34 26.64
C SER C 176 -2.82 -1.53 27.19
N SER C 177 -2.61 -1.82 28.48
CA SER C 177 -3.32 -2.87 29.18
C SER C 177 -4.51 -2.27 29.92
N THR C 178 -5.71 -2.76 29.63
CA THR C 178 -6.93 -2.23 30.20
C THR C 178 -7.66 -3.35 30.94
N LEU C 179 -7.85 -3.17 32.24
CA LEU C 179 -8.58 -4.11 33.08
C LEU C 179 -10.01 -3.62 33.22
N THR C 180 -10.97 -4.54 33.11
CA THR C 180 -12.39 -4.20 33.05
C THR C 180 -13.12 -4.92 34.17
N LEU C 181 -13.52 -4.17 35.19
CA LEU C 181 -14.30 -4.68 36.30
C LEU C 181 -15.75 -4.25 36.19
N SER C 182 -16.58 -4.80 37.06
CA SER C 182 -17.96 -4.35 37.20
C SER C 182 -17.99 -3.15 38.14
N LYS C 183 -18.93 -2.22 37.87
CA LYS C 183 -19.08 -1.06 38.73
C LYS C 183 -19.18 -1.48 40.19
N ALA C 184 -19.91 -2.56 40.47
CA ALA C 184 -19.97 -3.09 41.83
C ALA C 184 -18.61 -3.61 42.28
N ASP C 185 -18.05 -4.56 41.51
CA ASP C 185 -16.78 -5.16 41.90
C ASP C 185 -15.68 -4.12 42.05
N TYR C 186 -15.75 -3.02 41.30
CA TYR C 186 -14.69 -2.02 41.35
C TYR C 186 -14.62 -1.37 42.73
N GLU C 187 -15.67 -0.65 43.12
CA GLU C 187 -15.69 0.09 44.37
C GLU C 187 -15.90 -0.80 45.60
N LYS C 188 -15.66 -2.11 45.48
CA LYS C 188 -15.60 -3.02 46.61
C LYS C 188 -14.18 -3.50 46.86
N HIS C 189 -13.19 -2.70 46.45
CA HIS C 189 -11.79 -3.05 46.63
C HIS C 189 -10.98 -1.75 46.76
N LYS C 190 -9.78 -1.89 47.32
CA LYS C 190 -9.01 -0.72 47.73
C LYS C 190 -7.89 -0.40 46.75
N VAL C 191 -6.91 -1.30 46.65
CA VAL C 191 -5.65 -1.03 45.94
C VAL C 191 -5.72 -1.64 44.55
N TYR C 192 -5.27 -0.87 43.55
CA TYR C 192 -5.19 -1.31 42.17
C TYR C 192 -3.76 -1.05 41.69
N ALA C 193 -3.04 -2.12 41.38
CA ALA C 193 -1.63 -2.03 41.00
C ALA C 193 -1.40 -2.64 39.63
N CYS C 194 -0.38 -2.12 38.94
CA CYS C 194 0.01 -2.61 37.61
C CYS C 194 1.50 -2.93 37.68
N GLU C 195 1.83 -4.20 37.88
CA GLU C 195 3.21 -4.65 38.00
C GLU C 195 3.78 -4.91 36.60
N VAL C 196 4.84 -4.20 36.25
CA VAL C 196 5.46 -4.27 34.93
C VAL C 196 6.87 -4.83 35.09
N THR C 197 7.11 -5.99 34.50
CA THR C 197 8.44 -6.60 34.45
C THR C 197 8.90 -6.61 33.00
N HIS C 198 10.15 -6.21 32.78
CA HIS C 198 10.66 -6.00 31.43
C HIS C 198 12.17 -6.17 31.44
N GLN C 199 12.72 -6.44 30.25
CA GLN C 199 14.15 -6.65 30.12
C GLN C 199 14.95 -5.39 30.36
N GLY C 200 14.38 -4.23 30.03
CA GLY C 200 15.12 -2.97 30.13
C GLY C 200 15.36 -2.50 31.54
N LEU C 201 14.56 -2.95 32.51
CA LEU C 201 14.66 -2.50 33.89
C LEU C 201 15.09 -3.66 34.79
N SER C 202 15.78 -3.32 35.88
CA SER C 202 16.32 -4.34 36.77
C SER C 202 15.24 -4.94 37.65
N SER C 203 14.56 -4.11 38.45
CA SER C 203 13.53 -4.60 39.36
C SER C 203 12.16 -4.33 38.77
N PRO C 204 11.24 -5.29 38.79
CA PRO C 204 9.89 -5.03 38.28
C PRO C 204 9.26 -3.79 38.93
N VAL C 205 8.78 -2.89 38.08
CA VAL C 205 8.25 -1.61 38.53
C VAL C 205 6.73 -1.73 38.68
N THR C 206 6.21 -1.22 39.79
CA THR C 206 4.77 -1.24 40.07
C THR C 206 4.27 0.19 40.21
N LYS C 207 3.14 0.48 39.56
CA LYS C 207 2.47 1.77 39.66
C LYS C 207 1.03 1.50 40.05
N SER C 208 0.60 2.04 41.20
CA SER C 208 -0.69 1.71 41.78
C SER C 208 -1.39 2.97 42.25
N PHE C 209 -2.62 2.78 42.76
CA PHE C 209 -3.41 3.86 43.32
C PHE C 209 -4.46 3.25 44.24
N ASN C 210 -4.94 4.07 45.17
CA ASN C 210 -6.04 3.72 46.07
C ASN C 210 -7.23 4.60 45.72
N ARG C 211 -8.34 3.98 45.32
CA ARG C 211 -9.48 4.74 44.83
C ARG C 211 -10.05 5.65 45.92
N GLY C 212 -9.77 6.95 45.81
CA GLY C 212 -10.25 7.93 46.77
C GLY C 212 -9.59 9.27 46.60
#